data_5DIP
#
_entry.id   5DIP
#
_cell.length_a   145.712
_cell.length_b   145.712
_cell.length_c   145.712
_cell.angle_alpha   90.00
_cell.angle_beta   90.00
_cell.angle_gamma   90.00
#
_symmetry.space_group_name_H-M   'I 21 3'
#
loop_
_entity.id
_entity.type
_entity.pdbx_description
1 polymer 'Alkyl hydroperoxide reductase AhpD'
2 non-polymer 'SODIUM ION'
3 non-polymer GLYCEROL
4 water water
#
_entity_poly.entity_id   1
_entity_poly.type   'polypeptide(L)'
_entity_poly.pdbx_seq_one_letter_code
;MGHHHHHHMSDKFSHITKDITTQLAKFRKEMPELMTGFSSLAQAATKDGALDKKTKELIAMALAVAKQCPGCIGFHSQTL
VKLQATREELLETLGMAVYMGGGPSLMYAAEALEAFEEFSK
;
_entity_poly.pdbx_strand_id   A,B
#
# COMPACT_ATOMS: atom_id res chain seq x y z
N SER A 10 -9.39 1.85 25.46
CA SER A 10 -8.09 2.51 25.49
C SER A 10 -6.96 1.52 25.24
N ASP A 11 -7.27 0.23 25.32
CA ASP A 11 -6.28 -0.80 24.98
C ASP A 11 -6.83 -1.74 23.91
N LYS A 12 -7.70 -1.19 23.05
CA LYS A 12 -8.31 -1.94 21.96
C LYS A 12 -7.30 -2.74 21.12
N PHE A 13 -6.25 -2.07 20.64
CA PHE A 13 -5.37 -2.74 19.69
C PHE A 13 -4.33 -3.60 20.40
N SER A 14 -4.02 -3.24 21.64
CA SER A 14 -3.19 -4.10 22.47
C SER A 14 -3.85 -5.47 22.64
N HIS A 15 -5.14 -5.45 22.91
CA HIS A 15 -5.89 -6.68 23.09
CA HIS A 15 -5.95 -6.66 23.07
C HIS A 15 -6.00 -7.47 21.78
N ILE A 16 -6.31 -6.79 20.67
CA ILE A 16 -6.39 -7.44 19.37
C ILE A 16 -5.09 -8.17 19.03
N THR A 17 -3.96 -7.47 19.15
CA THR A 17 -2.68 -8.06 18.78
C THR A 17 -2.27 -9.18 19.75
N LYS A 18 -2.48 -8.97 21.05
CA LYS A 18 -2.20 -10.02 22.03
C LYS A 18 -3.01 -11.29 21.75
N ASP A 19 -4.30 -11.13 21.49
CA ASP A 19 -5.16 -12.28 21.21
C ASP A 19 -4.74 -13.02 19.94
N ILE A 20 -4.36 -12.27 18.91
CA ILE A 20 -3.92 -12.91 17.68
C ILE A 20 -2.61 -13.64 17.93
N THR A 21 -1.72 -13.01 18.68
CA THR A 21 -0.43 -13.62 18.99
C THR A 21 -0.58 -14.95 19.74
N THR A 22 -1.54 -15.05 20.66
CA THR A 22 -1.71 -16.32 21.34
C THR A 22 -2.17 -17.43 20.41
N GLN A 23 -2.99 -17.11 19.40
CA GLN A 23 -3.39 -18.12 18.45
C GLN A 23 -2.22 -18.47 17.53
N LEU A 24 -1.43 -17.46 17.16
CA LEU A 24 -0.31 -17.68 16.27
C LEU A 24 0.74 -18.58 16.89
N ALA A 25 0.89 -18.55 18.21
CA ALA A 25 1.82 -19.44 18.89
C ALA A 25 1.40 -20.90 18.68
N LYS A 26 0.09 -21.13 18.63
CA LYS A 26 -0.43 -22.46 18.32
C LYS A 26 -0.11 -22.86 16.89
N PHE A 27 -0.31 -21.95 15.94
CA PHE A 27 0.06 -22.21 14.55
C PHE A 27 1.53 -22.56 14.42
N ARG A 28 2.39 -21.85 15.15
CA ARG A 28 3.81 -22.10 15.05
C ARG A 28 4.18 -23.50 15.55
N LYS A 29 3.49 -23.98 16.58
CA LYS A 29 3.69 -25.34 17.07
C LYS A 29 3.09 -26.39 16.15
N GLU A 30 1.88 -26.14 15.66
CA GLU A 30 1.11 -27.18 14.99
C GLU A 30 1.24 -27.15 13.47
N MET A 31 1.67 -26.02 12.91
CA MET A 31 2.01 -25.99 11.48
C MET A 31 3.40 -25.38 11.28
N PRO A 32 4.43 -26.06 11.81
CA PRO A 32 5.74 -25.41 11.89
C PRO A 32 6.37 -25.18 10.51
N GLU A 33 6.13 -26.06 9.53
CA GLU A 33 6.71 -25.82 8.20
C GLU A 33 6.07 -24.58 7.55
N LEU A 34 4.76 -24.51 7.63
CA LEU A 34 3.98 -23.40 7.09
C LEU A 34 4.42 -22.07 7.69
N MET A 35 4.48 -22.00 9.02
CA MET A 35 4.82 -20.76 9.70
C MET A 35 6.29 -20.39 9.50
N THR A 36 7.16 -21.40 9.35
CA THR A 36 8.55 -21.11 9.01
C THR A 36 8.64 -20.46 7.63
N GLY A 37 7.87 -21.00 6.68
CA GLY A 37 7.82 -20.45 5.34
C GLY A 37 7.27 -19.03 5.38
N PHE A 38 6.18 -18.84 6.12
CA PHE A 38 5.59 -17.51 6.22
C PHE A 38 6.57 -16.51 6.84
N SER A 39 7.26 -16.93 7.90
N SER A 39 7.24 -16.94 7.90
CA SER A 39 8.21 -16.05 8.57
CA SER A 39 8.21 -16.09 8.59
C SER A 39 9.36 -15.67 7.66
C SER A 39 9.34 -15.67 7.65
N SER A 40 9.80 -16.59 6.81
CA SER A 40 10.84 -16.29 5.83
C SER A 40 10.35 -15.25 4.81
N LEU A 41 9.13 -15.43 4.34
CA LEU A 41 8.53 -14.48 3.41
C LEU A 41 8.47 -13.08 4.04
N ALA A 42 7.93 -13.02 5.26
CA ALA A 42 7.75 -11.77 5.96
C ALA A 42 9.09 -11.06 6.19
N GLN A 43 10.09 -11.83 6.61
CA GLN A 43 11.38 -11.24 6.94
C GLN A 43 12.08 -10.73 5.67
N ALA A 44 11.97 -11.48 4.57
CA ALA A 44 12.55 -11.04 3.32
C ALA A 44 11.86 -9.78 2.80
N ALA A 45 10.54 -9.69 3.01
CA ALA A 45 9.77 -8.57 2.49
C ALA A 45 10.10 -7.27 3.23
N THR A 46 10.34 -7.38 4.53
CA THR A 46 10.45 -6.21 5.40
C THR A 46 11.89 -5.78 5.72
N LYS A 47 12.86 -6.58 5.32
CA LYS A 47 14.25 -6.28 5.66
C LYS A 47 14.76 -5.01 4.95
N ASP A 48 15.79 -4.40 5.52
CA ASP A 48 16.37 -3.21 4.93
C ASP A 48 16.90 -3.47 3.52
N GLY A 49 16.64 -2.55 2.60
CA GLY A 49 17.12 -2.68 1.23
C GLY A 49 17.15 -1.31 0.59
N ALA A 50 16.79 -1.23 -0.68
CA ALA A 50 16.65 0.06 -1.35
C ALA A 50 15.64 0.93 -0.61
N LEU A 51 14.62 0.30 -0.03
CA LEU A 51 13.70 0.99 0.85
C LEU A 51 14.06 0.62 2.28
N ASP A 52 14.10 1.58 3.20
CA ASP A 52 14.47 1.22 4.55
C ASP A 52 13.26 0.58 5.25
N LYS A 53 13.48 0.09 6.47
CA LYS A 53 12.47 -0.70 7.14
C LYS A 53 11.24 0.12 7.47
N LYS A 54 11.45 1.36 7.90
CA LYS A 54 10.33 2.25 8.21
C LYS A 54 9.44 2.48 6.99
N THR A 55 10.07 2.70 5.84
CA THR A 55 9.32 2.94 4.62
C THR A 55 8.48 1.73 4.23
N LYS A 56 9.07 0.53 4.34
CA LYS A 56 8.32 -0.70 4.05
C LYS A 56 7.16 -0.88 5.02
N GLU A 57 7.35 -0.49 6.28
CA GLU A 57 6.26 -0.60 7.25
C GLU A 57 5.17 0.44 7.00
N LEU A 58 5.52 1.57 6.43
CA LEU A 58 4.50 2.54 6.02
C LEU A 58 3.70 1.95 4.87
N ILE A 59 4.39 1.28 3.96
CA ILE A 59 3.72 0.58 2.87
C ILE A 59 2.78 -0.47 3.47
N ALA A 60 3.26 -1.21 4.47
CA ALA A 60 2.43 -2.23 5.13
C ALA A 60 1.20 -1.61 5.76
N MET A 61 1.37 -0.43 6.37
CA MET A 61 0.23 0.23 7.04
C MET A 61 -0.86 0.61 6.03
N ALA A 62 -0.45 1.15 4.89
CA ALA A 62 -1.38 1.50 3.82
C ALA A 62 -2.13 0.26 3.33
N LEU A 63 -1.40 -0.83 3.13
CA LEU A 63 -2.00 -2.10 2.73
C LEU A 63 -2.98 -2.60 3.80
N ALA A 64 -2.60 -2.48 5.07
CA ALA A 64 -3.46 -2.93 6.17
C ALA A 64 -4.80 -2.19 6.18
N VAL A 65 -4.74 -0.89 5.87
CA VAL A 65 -5.94 -0.06 5.81
C VAL A 65 -6.78 -0.43 4.59
N ALA A 66 -6.12 -0.58 3.43
CA ALA A 66 -6.82 -0.99 2.21
C ALA A 66 -7.48 -2.35 2.37
N LYS A 67 -6.83 -3.24 3.11
CA LYS A 67 -7.37 -4.58 3.32
C LYS A 67 -8.36 -4.64 4.48
N GLN A 68 -8.53 -3.51 5.15
CA GLN A 68 -9.52 -3.37 6.21
C GLN A 68 -9.36 -4.43 7.28
N CYS A 69 -8.12 -4.61 7.72
CA CYS A 69 -7.80 -5.68 8.64
C CYS A 69 -7.25 -5.10 9.95
N PRO A 70 -8.09 -5.09 11.00
CA PRO A 70 -7.74 -4.51 12.30
C PRO A 70 -6.48 -5.15 12.90
N GLY A 71 -6.32 -6.45 12.71
CA GLY A 71 -5.13 -7.12 13.19
C GLY A 71 -3.86 -6.57 12.55
N CYS A 72 -3.85 -6.46 11.22
CA CYS A 72 -2.71 -5.88 10.52
C CYS A 72 -2.47 -4.43 10.95
N ILE A 73 -3.55 -3.67 11.05
CA ILE A 73 -3.44 -2.28 11.49
C ILE A 73 -2.78 -2.25 12.88
N GLY A 74 -3.24 -3.14 13.77
CA GLY A 74 -2.65 -3.28 15.09
C GLY A 74 -1.15 -3.55 15.03
N PHE A 75 -0.74 -4.62 14.37
CA PHE A 75 0.67 -5.00 14.41
C PHE A 75 1.56 -3.99 13.71
N HIS A 76 1.12 -3.46 12.57
CA HIS A 76 2.00 -2.57 11.83
C HIS A 76 2.09 -1.17 12.46
N SER A 77 1.04 -0.74 13.15
CA SER A 77 1.13 0.55 13.85
C SER A 77 2.09 0.40 15.03
N GLN A 78 2.02 -0.75 15.69
CA GLN A 78 2.94 -1.07 16.78
C GLN A 78 4.38 -1.05 16.29
N THR A 79 4.63 -1.68 15.15
CA THR A 79 5.97 -1.68 14.57
C THR A 79 6.42 -0.29 14.14
N LEU A 80 5.51 0.51 13.61
CA LEU A 80 5.85 1.87 13.19
C LEU A 80 6.34 2.71 14.39
N VAL A 81 5.69 2.54 15.54
CA VAL A 81 6.11 3.27 16.74
C VAL A 81 7.52 2.81 17.11
N LYS A 82 7.74 1.50 17.06
CA LYS A 82 9.06 0.96 17.38
C LYS A 82 10.12 1.46 16.41
N LEU A 83 9.75 1.63 15.15
CA LEU A 83 10.68 2.14 14.15
C LEU A 83 10.77 3.69 14.18
N GLN A 84 10.03 4.31 15.09
CA GLN A 84 10.03 5.76 15.28
C GLN A 84 9.55 6.53 14.05
N ALA A 85 8.55 5.98 13.37
CA ALA A 85 7.84 6.72 12.34
C ALA A 85 7.17 7.93 12.99
N THR A 86 7.16 9.06 12.32
CA THR A 86 6.45 10.21 12.88
C THR A 86 4.98 10.10 12.58
N ARG A 87 4.20 10.87 13.32
CA ARG A 87 2.78 10.97 13.14
C ARG A 87 2.44 11.51 11.74
N GLU A 88 3.27 12.42 11.26
CA GLU A 88 3.08 13.01 9.93
C GLU A 88 3.34 12.01 8.82
N GLU A 89 4.37 11.18 8.98
CA GLU A 89 4.64 10.11 8.02
C GLU A 89 3.48 9.13 7.97
N LEU A 90 2.92 8.79 9.14
CA LEU A 90 1.76 7.92 9.19
C LEU A 90 0.55 8.55 8.50
N LEU A 91 0.24 9.80 8.81
CA LEU A 91 -0.94 10.45 8.24
C LEU A 91 -0.84 10.49 6.72
N GLU A 92 0.34 10.78 6.20
CA GLU A 92 0.51 10.90 4.75
C GLU A 92 0.35 9.54 4.05
N THR A 93 0.77 8.47 4.71
CA THR A 93 0.52 7.11 4.23
CA THR A 93 0.51 7.15 4.13
C THR A 93 -0.99 6.82 4.20
N LEU A 94 -1.67 7.22 5.26
CA LEU A 94 -3.11 7.04 5.36
C LEU A 94 -3.82 7.82 4.27
N GLY A 95 -3.31 9.00 3.96
CA GLY A 95 -3.89 9.83 2.92
C GLY A 95 -3.87 9.13 1.58
N MET A 96 -2.78 8.39 1.31
CA MET A 96 -2.70 7.62 0.07
C MET A 96 -3.75 6.52 0.03
N ALA A 97 -3.98 5.86 1.16
CA ALA A 97 -5.01 4.83 1.23
C ALA A 97 -6.41 5.42 0.96
N VAL A 98 -6.65 6.62 1.48
CA VAL A 98 -7.94 7.28 1.28
C VAL A 98 -8.15 7.63 -0.20
N TYR A 99 -7.12 8.18 -0.82
CA TYR A 99 -7.17 8.47 -2.24
C TYR A 99 -7.46 7.20 -3.05
N MET A 100 -6.92 6.07 -2.62
CA MET A 100 -7.15 4.88 -3.43
CA MET A 100 -7.07 4.81 -3.34
C MET A 100 -8.18 3.92 -2.81
N GLY A 101 -8.99 4.42 -1.89
CA GLY A 101 -10.03 3.60 -1.28
C GLY A 101 -11.34 4.31 -0.98
N GLY A 102 -11.34 5.64 -1.02
CA GLY A 102 -12.53 6.41 -0.72
C GLY A 102 -13.02 6.26 0.71
N GLY A 103 -14.33 6.49 0.91
CA GLY A 103 -14.97 6.42 2.22
C GLY A 103 -14.54 5.30 3.15
N PRO A 104 -14.62 4.04 2.70
CA PRO A 104 -14.24 2.92 3.56
C PRO A 104 -12.79 3.00 4.04
N SER A 105 -11.84 3.44 3.22
CA SER A 105 -10.46 3.55 3.67
C SER A 105 -10.31 4.71 4.66
N LEU A 106 -11.15 5.73 4.51
CA LEU A 106 -11.14 6.81 5.51
C LEU A 106 -11.55 6.25 6.87
N MET A 107 -12.51 5.33 6.89
CA MET A 107 -12.94 4.70 8.14
C MET A 107 -11.80 3.92 8.77
N TYR A 108 -11.07 3.15 7.97
CA TYR A 108 -9.96 2.38 8.52
C TYR A 108 -8.74 3.23 8.79
N ALA A 109 -8.61 4.37 8.12
CA ALA A 109 -7.53 5.31 8.45
C ALA A 109 -7.74 5.85 9.87
N ALA A 110 -8.99 6.10 10.23
CA ALA A 110 -9.31 6.57 11.57
C ALA A 110 -8.87 5.53 12.60
N GLU A 111 -9.12 4.25 12.30
CA GLU A 111 -8.71 3.19 13.19
CA GLU A 111 -8.70 3.14 13.15
C GLU A 111 -7.19 3.08 13.28
N ALA A 112 -6.49 3.30 12.17
CA ALA A 112 -5.03 3.25 12.17
C ALA A 112 -4.43 4.39 13.02
N LEU A 113 -5.03 5.57 12.96
CA LEU A 113 -4.58 6.67 13.80
C LEU A 113 -4.81 6.31 15.27
N GLU A 114 -5.99 5.78 15.58
CA GLU A 114 -6.28 5.34 16.93
C GLU A 114 -5.24 4.32 17.41
N ALA A 115 -4.90 3.36 16.56
CA ALA A 115 -3.92 2.34 16.91
C ALA A 115 -2.55 2.94 17.18
N PHE A 116 -2.11 3.81 16.28
CA PHE A 116 -0.82 4.46 16.40
C PHE A 116 -0.73 5.29 17.68
N GLU A 117 -1.79 6.02 18.01
CA GLU A 117 -1.80 6.81 19.23
C GLU A 117 -1.80 5.89 20.45
N GLU A 118 -2.55 4.79 20.39
CA GLU A 118 -2.55 3.83 21.49
C GLU A 118 -1.14 3.32 21.77
N PHE A 119 -0.42 2.88 20.74
CA PHE A 119 0.90 2.31 20.96
C PHE A 119 1.97 3.37 21.21
N SER A 120 1.62 4.63 21.03
CA SER A 120 2.58 5.73 21.21
C SER A 120 2.70 6.18 22.67
N LYS A 121 1.86 5.60 23.53
CA LYS A 121 1.91 5.58 25.02
C LYS A 121 0.49 5.69 25.58
N SER B 10 3.13 -5.79 -26.11
CA SER B 10 4.24 -4.89 -25.81
C SER B 10 3.77 -3.45 -25.62
N ASP B 11 2.54 -3.17 -26.06
CA ASP B 11 1.90 -1.89 -25.81
C ASP B 11 0.70 -2.08 -24.90
N LYS B 12 0.69 -3.18 -24.15
CA LYS B 12 -0.48 -3.56 -23.37
C LYS B 12 -0.98 -2.48 -22.42
N PHE B 13 -0.08 -1.91 -21.61
CA PHE B 13 -0.54 -0.99 -20.58
C PHE B 13 -0.71 0.42 -21.12
N SER B 14 -0.03 0.73 -22.21
CA SER B 14 -0.30 1.94 -22.95
C SER B 14 -1.75 1.95 -23.40
N HIS B 15 -2.20 0.84 -23.99
CA HIS B 15 -3.58 0.76 -24.47
C HIS B 15 -4.59 0.76 -23.33
N ILE B 16 -4.28 0.04 -22.25
CA ILE B 16 -5.20 0.02 -21.11
C ILE B 16 -5.42 1.43 -20.57
N THR B 17 -4.33 2.14 -20.32
CA THR B 17 -4.43 3.49 -19.76
C THR B 17 -5.08 4.47 -20.74
N LYS B 18 -4.71 4.41 -22.00
CA LYS B 18 -5.33 5.27 -23.00
C LYS B 18 -6.84 5.04 -23.10
N ASP B 19 -7.25 3.77 -23.10
CA ASP B 19 -8.67 3.45 -23.20
C ASP B 19 -9.44 3.93 -21.98
N ILE B 20 -8.87 3.75 -20.80
CA ILE B 20 -9.53 4.28 -19.60
C ILE B 20 -9.63 5.81 -19.67
N THR B 21 -8.55 6.45 -20.11
CA THR B 21 -8.52 7.91 -20.19
C THR B 21 -9.62 8.45 -21.14
N THR B 22 -9.83 7.78 -22.27
CA THR B 22 -10.86 8.23 -23.19
CA THR B 22 -10.87 8.14 -23.22
C THR B 22 -12.25 8.15 -22.56
N GLN B 23 -12.53 7.13 -21.76
CA GLN B 23 -13.83 7.06 -21.09
C GLN B 23 -13.92 8.12 -19.99
N LEU B 24 -12.83 8.27 -19.24
CA LEU B 24 -12.84 9.21 -18.12
C LEU B 24 -12.91 10.65 -18.62
N ALA B 25 -12.48 10.90 -19.85
CA ALA B 25 -12.53 12.26 -20.40
C ALA B 25 -13.96 12.75 -20.43
N LYS B 26 -14.88 11.83 -20.73
CA LYS B 26 -16.30 12.14 -20.74
C LYS B 26 -16.84 12.31 -19.34
N PHE B 27 -16.47 11.38 -18.48
CA PHE B 27 -16.90 11.37 -17.08
C PHE B 27 -16.49 12.69 -16.39
N ARG B 28 -15.27 13.14 -16.64
CA ARG B 28 -14.75 14.36 -16.03
C ARG B 28 -15.56 15.59 -16.42
N LYS B 29 -15.97 15.67 -17.69
CA LYS B 29 -16.74 16.81 -18.15
C LYS B 29 -18.20 16.73 -17.71
N GLU B 30 -18.73 15.51 -17.59
CA GLU B 30 -20.14 15.34 -17.27
C GLU B 30 -20.43 15.24 -15.77
N MET B 31 -19.39 14.98 -14.98
CA MET B 31 -19.51 15.00 -13.54
C MET B 31 -18.42 15.92 -12.99
N PRO B 32 -18.47 17.22 -13.36
CA PRO B 32 -17.31 18.08 -13.09
C PRO B 32 -17.13 18.37 -11.59
N GLU B 33 -18.22 18.48 -10.83
CA GLU B 33 -18.07 18.73 -9.40
C GLU B 33 -17.44 17.54 -8.69
N LEU B 34 -17.88 16.36 -9.07
CA LEU B 34 -17.34 15.13 -8.53
C LEU B 34 -15.84 15.01 -8.85
N MET B 35 -15.49 15.30 -10.10
CA MET B 35 -14.15 15.00 -10.55
C MET B 35 -13.15 16.12 -10.24
N THR B 36 -13.62 17.36 -10.06
CA THR B 36 -12.73 18.36 -9.48
C THR B 36 -12.49 18.00 -8.02
N GLY B 37 -13.52 17.46 -7.37
CA GLY B 37 -13.35 16.97 -6.01
C GLY B 37 -12.30 15.86 -5.99
N PHE B 38 -12.44 14.91 -6.91
CA PHE B 38 -11.50 13.80 -6.94
C PHE B 38 -10.06 14.25 -7.24
N SER B 39 -9.90 15.10 -8.25
CA SER B 39 -8.54 15.50 -8.61
C SER B 39 -7.89 16.25 -7.45
N SER B 40 -8.67 17.04 -6.71
CA SER B 40 -8.17 17.76 -5.54
CA SER B 40 -8.07 17.77 -5.60
C SER B 40 -7.69 16.78 -4.47
N LEU B 41 -8.50 15.75 -4.26
CA LEU B 41 -8.13 14.72 -3.30
C LEU B 41 -6.83 14.02 -3.73
N ALA B 42 -6.75 13.64 -5.00
CA ALA B 42 -5.58 12.94 -5.50
C ALA B 42 -4.30 13.78 -5.36
N GLN B 43 -4.38 15.06 -5.73
CA GLN B 43 -3.25 15.96 -5.63
C GLN B 43 -2.82 16.17 -4.18
N ALA B 44 -3.80 16.34 -3.30
CA ALA B 44 -3.52 16.53 -1.88
C ALA B 44 -2.84 15.28 -1.30
N ALA B 45 -3.25 14.10 -1.76
CA ALA B 45 -2.71 12.85 -1.24
C ALA B 45 -1.27 12.61 -1.68
N THR B 46 -0.95 13.01 -2.92
CA THR B 46 0.31 12.64 -3.55
C THR B 46 1.40 13.73 -3.48
N LYS B 47 1.06 14.88 -2.92
CA LYS B 47 1.97 16.02 -2.86
C LYS B 47 3.18 15.72 -1.97
N ASP B 48 4.28 16.43 -2.20
CA ASP B 48 5.44 16.28 -1.34
CA ASP B 48 5.45 16.33 -1.34
C ASP B 48 5.10 16.73 0.09
N GLY B 49 5.58 15.98 1.07
CA GLY B 49 5.36 16.31 2.46
C GLY B 49 6.40 15.63 3.34
N ALA B 50 5.97 15.11 4.48
CA ALA B 50 6.84 14.25 5.27
C ALA B 50 7.34 13.08 4.44
N LEU B 51 6.54 12.64 3.49
CA LEU B 51 6.97 11.62 2.50
C LEU B 51 7.14 12.30 1.16
N ASP B 52 8.20 11.98 0.42
CA ASP B 52 8.33 12.60 -0.88
C ASP B 52 7.40 11.92 -1.90
N LYS B 53 7.32 12.51 -3.09
CA LYS B 53 6.35 12.06 -4.07
C LYS B 53 6.62 10.63 -4.54
N LYS B 54 7.89 10.29 -4.73
CA LYS B 54 8.26 8.94 -5.18
C LYS B 54 7.80 7.91 -4.17
N THR B 55 8.02 8.18 -2.89
CA THR B 55 7.65 7.27 -1.83
C THR B 55 6.13 7.04 -1.83
N LYS B 56 5.37 8.12 -2.00
CA LYS B 56 3.92 7.99 -2.03
C LYS B 56 3.46 7.19 -3.24
N GLU B 57 4.15 7.34 -4.36
CA GLU B 57 3.79 6.56 -5.55
C GLU B 57 4.17 5.09 -5.39
N LEU B 58 5.22 4.80 -4.65
CA LEU B 58 5.52 3.41 -4.30
C LEU B 58 4.39 2.82 -3.44
N ILE B 59 3.90 3.60 -2.50
CA ILE B 59 2.75 3.19 -1.70
C ILE B 59 1.54 2.95 -2.63
N ALA B 60 1.30 3.88 -3.57
CA ALA B 60 0.21 3.73 -4.54
C ALA B 60 0.35 2.45 -5.37
N MET B 61 1.57 2.10 -5.75
CA MET B 61 1.80 0.89 -6.53
C MET B 61 1.45 -0.38 -5.74
N ALA B 62 1.91 -0.44 -4.50
CA ALA B 62 1.55 -1.54 -3.61
C ALA B 62 0.02 -1.66 -3.48
N LEU B 63 -0.65 -0.52 -3.30
CA LEU B 63 -2.10 -0.50 -3.20
C LEU B 63 -2.76 -0.97 -4.50
N ALA B 64 -2.21 -0.54 -5.63
CA ALA B 64 -2.76 -0.90 -6.94
C ALA B 64 -2.72 -2.43 -7.11
N VAL B 65 -1.61 -3.03 -6.68
CA VAL B 65 -1.42 -4.48 -6.76
C VAL B 65 -2.38 -5.21 -5.81
N ALA B 66 -2.50 -4.71 -4.58
CA ALA B 66 -3.42 -5.27 -3.61
C ALA B 66 -4.88 -5.15 -4.07
N LYS B 67 -5.21 -4.08 -4.80
CA LYS B 67 -6.55 -3.91 -5.34
CA LYS B 67 -6.55 -3.91 -5.34
C LYS B 67 -6.76 -4.69 -6.63
N GLN B 68 -5.71 -5.38 -7.09
CA GLN B 68 -5.80 -6.23 -8.28
C GLN B 68 -6.40 -5.49 -9.47
N CYS B 69 -5.93 -4.26 -9.70
CA CYS B 69 -6.53 -3.39 -10.70
C CYS B 69 -5.52 -3.02 -11.79
N PRO B 70 -5.61 -3.68 -12.94
CA PRO B 70 -4.69 -3.46 -14.08
C PRO B 70 -4.60 -1.99 -14.48
N GLY B 71 -5.73 -1.27 -14.45
CA GLY B 71 -5.72 0.16 -14.75
C GLY B 71 -4.88 0.95 -13.77
N CYS B 72 -5.11 0.77 -12.47
CA CYS B 72 -4.28 1.44 -11.46
C CYS B 72 -2.81 1.08 -11.62
N ILE B 73 -2.56 -0.19 -11.86
CA ILE B 73 -1.18 -0.65 -12.00
C ILE B 73 -0.54 0.06 -13.18
N GLY B 74 -1.30 0.19 -14.27
CA GLY B 74 -0.82 0.89 -15.44
C GLY B 74 -0.47 2.35 -15.17
N PHE B 75 -1.42 3.10 -14.63
CA PHE B 75 -1.19 4.53 -14.37
C PHE B 75 -0.07 4.74 -13.37
N HIS B 76 -0.05 3.97 -12.28
CA HIS B 76 0.94 4.25 -11.26
C HIS B 76 2.35 3.79 -11.68
N SER B 77 2.44 2.79 -12.57
CA SER B 77 3.74 2.39 -13.14
CA SER B 77 3.75 2.41 -13.09
C SER B 77 4.31 3.52 -13.98
N GLN B 78 3.44 4.11 -14.79
CA GLN B 78 3.82 5.22 -15.62
C GLN B 78 4.36 6.37 -14.77
N THR B 79 3.66 6.66 -13.67
CA THR B 79 4.07 7.74 -12.78
C THR B 79 5.39 7.43 -12.07
N LEU B 80 5.58 6.17 -11.67
CA LEU B 80 6.85 5.76 -11.06
C LEU B 80 8.02 6.01 -11.99
N VAL B 81 7.84 5.75 -13.28
CA VAL B 81 8.90 6.00 -14.24
C VAL B 81 9.16 7.51 -14.29
N LYS B 82 8.10 8.31 -14.34
CA LYS B 82 8.24 9.77 -14.35
C LYS B 82 9.02 10.26 -13.12
N LEU B 83 8.76 9.64 -11.97
CA LEU B 83 9.41 10.03 -10.74
C LEU B 83 10.78 9.37 -10.58
N GLN B 84 11.17 8.61 -11.61
CA GLN B 84 12.48 7.93 -11.65
C GLN B 84 12.70 6.99 -10.47
N ALA B 85 11.67 6.23 -10.11
CA ALA B 85 11.85 5.15 -9.16
C ALA B 85 12.76 4.10 -9.78
N THR B 86 13.61 3.46 -8.98
CA THR B 86 14.46 2.41 -9.55
C THR B 86 13.70 1.09 -9.62
N ARG B 87 14.18 0.18 -10.45
CA ARG B 87 13.61 -1.15 -10.54
C ARG B 87 13.62 -1.81 -9.17
N GLU B 88 14.70 -1.63 -8.41
CA GLU B 88 14.81 -2.27 -7.10
C GLU B 88 13.78 -1.71 -6.11
N GLU B 89 13.54 -0.40 -6.17
CA GLU B 89 12.52 0.21 -5.33
C GLU B 89 11.14 -0.39 -5.64
N LEU B 90 10.83 -0.54 -6.93
CA LEU B 90 9.60 -1.20 -7.34
C LEU B 90 9.53 -2.63 -6.81
N LEU B 91 10.60 -3.40 -7.03
CA LEU B 91 10.62 -4.80 -6.60
C LEU B 91 10.32 -4.94 -5.12
N GLU B 92 10.91 -4.07 -4.30
CA GLU B 92 10.71 -4.16 -2.86
C GLU B 92 9.29 -3.75 -2.44
N THR B 93 8.69 -2.82 -3.17
CA THR B 93 7.30 -2.45 -2.95
CA THR B 93 7.31 -2.49 -2.81
C THR B 93 6.37 -3.63 -3.24
N LEU B 94 6.66 -4.29 -4.36
CA LEU B 94 5.91 -5.46 -4.76
C LEU B 94 6.09 -6.59 -3.73
N GLY B 95 7.31 -6.74 -3.22
CA GLY B 95 7.58 -7.68 -2.15
C GLY B 95 6.63 -7.49 -0.98
N MET B 96 6.38 -6.23 -0.60
CA MET B 96 5.48 -5.95 0.49
C MET B 96 4.05 -6.36 0.14
N ALA B 97 3.62 -6.11 -1.09
CA ALA B 97 2.29 -6.53 -1.51
C ALA B 97 2.14 -8.06 -1.46
N VAL B 98 3.20 -8.78 -1.81
CA VAL B 98 3.15 -10.25 -1.82
C VAL B 98 3.05 -10.80 -0.38
N TYR B 99 3.86 -10.25 0.51
CA TYR B 99 3.77 -10.56 1.93
C TYR B 99 2.36 -10.33 2.49
N MET B 100 1.68 -9.29 2.04
CA MET B 100 0.36 -9.06 2.59
CA MET B 100 0.36 -8.93 2.52
C MET B 100 -0.78 -9.41 1.64
N GLY B 101 -0.49 -10.26 0.64
CA GLY B 101 -1.55 -10.67 -0.26
C GLY B 101 -1.45 -12.12 -0.73
N GLY B 102 -0.29 -12.72 -0.51
CA GLY B 102 -0.09 -14.11 -0.92
C GLY B 102 -0.14 -14.32 -2.41
N GLY B 103 -0.50 -15.54 -2.80
CA GLY B 103 -0.56 -15.96 -4.21
C GLY B 103 -1.19 -14.99 -5.22
N PRO B 104 -2.42 -14.52 -4.94
CA PRO B 104 -3.09 -13.60 -5.86
C PRO B 104 -2.30 -12.31 -6.09
N SER B 105 -1.66 -11.76 -5.06
CA SER B 105 -0.88 -10.53 -5.23
CA SER B 105 -0.87 -10.53 -5.23
C SER B 105 0.31 -10.78 -6.15
N LEU B 106 0.78 -12.02 -6.18
CA LEU B 106 1.90 -12.37 -7.02
C LEU B 106 1.51 -12.25 -8.48
N MET B 107 0.26 -12.59 -8.79
CA MET B 107 -0.26 -12.47 -10.14
C MET B 107 -0.24 -11.00 -10.59
N TYR B 108 -0.53 -10.07 -9.68
CA TYR B 108 -0.53 -8.65 -10.05
C TYR B 108 0.83 -8.00 -9.91
N ALA B 109 1.70 -8.59 -9.08
CA ALA B 109 3.11 -8.15 -9.10
C ALA B 109 3.68 -8.38 -10.51
N ALA B 110 3.29 -9.50 -11.13
CA ALA B 110 3.69 -9.79 -12.51
C ALA B 110 3.27 -8.66 -13.45
N GLU B 111 2.03 -8.20 -13.31
CA GLU B 111 1.52 -7.13 -14.15
C GLU B 111 2.25 -5.81 -13.90
N ALA B 112 2.54 -5.53 -12.64
CA ALA B 112 3.28 -4.31 -12.29
C ALA B 112 4.67 -4.31 -12.93
N LEU B 113 5.35 -5.46 -12.90
CA LEU B 113 6.68 -5.53 -13.49
CA LEU B 113 6.67 -5.57 -13.51
C LEU B 113 6.59 -5.32 -15.01
N GLU B 114 5.60 -5.96 -15.63
CA GLU B 114 5.39 -5.79 -17.07
C GLU B 114 5.10 -4.33 -17.43
N ALA B 115 4.19 -3.70 -16.69
CA ALA B 115 3.85 -2.28 -16.92
C ALA B 115 5.06 -1.37 -16.73
N PHE B 116 5.79 -1.57 -15.65
CA PHE B 116 6.96 -0.75 -15.37
C PHE B 116 8.01 -0.86 -16.49
N GLU B 117 8.26 -2.08 -16.94
CA GLU B 117 9.18 -2.28 -18.06
C GLU B 117 8.67 -1.64 -19.33
N GLU B 118 7.37 -1.75 -19.58
CA GLU B 118 6.80 -1.16 -20.78
C GLU B 118 7.01 0.35 -20.81
N PHE B 119 6.76 1.02 -19.68
CA PHE B 119 6.86 2.48 -19.65
C PHE B 119 8.29 2.95 -19.47
N SER B 120 9.20 2.05 -19.12
CA SER B 120 10.62 2.36 -19.04
C SER B 120 11.28 2.32 -20.42
N LYS B 121 10.50 1.88 -21.40
CA LYS B 121 10.81 1.64 -22.83
C LYS B 121 11.33 0.22 -23.05
#